data_2OAR
#
_entry.id   2OAR
#
_cell.length_a   212.308
_cell.length_b   212.308
_cell.length_c   97.680
_cell.angle_alpha   90.000
_cell.angle_beta   90.000
_cell.angle_gamma   90.000
#
_symmetry.space_group_name_H-M   'I 41'
#
loop_
_entity.id
_entity.type
_entity.pdbx_description
1 polymer 'Large-conductance mechanosensitive channel'
2 non-polymer 'GOLD ION'
#
_entity_poly.entity_id   1
_entity_poly.type   'polypeptide(L)'
_entity_poly.pdbx_seq_one_letter_code
;MGHHHHHHHHHHSSGHIDDDDKHMLKGFKEFLARGNIVDLAVAVVIGTAFTALVTKFTDSIITPLINRIGVNAQSDVGIL
RIGIGGGQTIDLNVLLSAAINFFLIAFAVYFLVVLPYNTLRKKGEVEQPGDTQVVLLTEIRDLLAQTNGDSPGRHGGRGT
PSPTDGPRASTESQ
;
_entity_poly.pdbx_strand_id   A,B,C,D,E
#
# COMPACT_ATOMS: atom_id res chain seq x y z
N MET A 24 17.28 18.53 12.42
CA MET A 24 16.01 18.11 11.75
C MET A 24 16.36 17.40 10.43
N LEU A 25 17.29 18.01 9.69
CA LEU A 25 17.77 17.46 8.42
C LEU A 25 18.47 16.11 8.79
N LYS A 26 19.11 16.08 9.97
CA LYS A 26 19.82 14.91 10.54
C LYS A 26 18.87 13.77 11.00
N GLY A 27 17.74 14.14 11.57
CA GLY A 27 16.75 13.17 12.01
C GLY A 27 16.04 12.47 10.86
N PHE A 28 15.63 13.26 9.85
CA PHE A 28 14.96 12.65 8.69
C PHE A 28 15.97 11.82 7.87
N LYS A 29 17.16 12.38 7.65
CA LYS A 29 18.21 11.71 6.91
C LYS A 29 18.73 10.45 7.64
N GLU A 30 18.85 10.53 8.97
CA GLU A 30 19.31 9.41 9.80
C GLU A 30 18.25 8.31 9.80
N PHE A 31 17.00 8.75 9.76
CA PHE A 31 15.91 7.81 9.70
C PHE A 31 15.86 7.14 8.33
N LEU A 32 16.23 7.90 7.29
CA LEU A 32 16.28 7.43 5.90
C LEU A 32 17.41 6.43 5.52
N ALA A 33 18.60 6.59 6.11
CA ALA A 33 19.71 5.64 5.85
C ALA A 33 19.16 4.37 6.48
N ARG A 34 18.46 4.62 7.58
CA ARG A 34 17.71 3.70 8.41
C ARG A 34 16.66 3.10 7.45
N GLY A 35 16.28 3.92 6.46
CA GLY A 35 15.20 3.62 5.53
C GLY A 35 14.94 2.47 4.55
N ASN A 36 14.68 1.37 5.23
CA ASN A 36 14.22 0.11 4.68
C ASN A 36 12.88 0.69 4.18
N ILE A 37 12.44 1.69 4.96
CA ILE A 37 11.24 2.48 4.75
C ILE A 37 11.31 3.16 3.37
N VAL A 38 12.46 3.73 3.04
CA VAL A 38 12.62 4.38 1.74
C VAL A 38 12.44 3.35 0.63
N ASP A 39 13.03 2.17 0.82
CA ASP A 39 12.87 1.18 -0.26
C ASP A 39 11.38 0.91 -0.46
N LEU A 40 10.68 0.72 0.66
CA LEU A 40 9.27 0.40 0.64
C LEU A 40 8.33 1.53 0.19
N ALA A 41 8.56 2.72 0.68
CA ALA A 41 7.72 3.84 0.35
C ALA A 41 7.82 3.99 -1.15
N VAL A 42 9.04 3.92 -1.68
CA VAL A 42 9.12 4.05 -3.12
C VAL A 42 8.31 2.95 -3.75
N ALA A 43 8.40 1.77 -3.17
CA ALA A 43 7.65 0.67 -3.75
C ALA A 43 6.16 0.92 -3.79
N VAL A 44 5.59 1.45 -2.71
CA VAL A 44 4.15 1.70 -2.72
C VAL A 44 3.84 2.83 -3.69
N VAL A 45 4.74 3.80 -3.79
CA VAL A 45 4.51 4.91 -4.69
C VAL A 45 4.39 4.46 -6.14
N ILE A 46 5.31 3.61 -6.56
CA ILE A 46 5.28 3.10 -7.92
C ILE A 46 4.14 2.12 -8.15
N GLY A 47 3.83 1.30 -7.15
CA GLY A 47 2.77 0.34 -7.36
C GLY A 47 1.42 1.01 -7.50
N THR A 48 1.12 1.96 -6.62
CA THR A 48 -0.17 2.66 -6.70
C THR A 48 -0.24 3.51 -7.97
N ALA A 49 0.86 4.18 -8.30
CA ALA A 49 0.86 5.02 -9.49
C ALA A 49 0.58 4.23 -10.75
N PHE A 50 1.24 3.09 -10.86
CA PHE A 50 1.08 2.25 -12.02
C PHE A 50 -0.29 1.63 -12.14
N THR A 51 -0.84 1.09 -11.05
CA THR A 51 -2.18 0.48 -11.12
C THR A 51 -3.17 1.56 -11.55
N ALA A 52 -2.95 2.76 -11.03
CA ALA A 52 -3.82 3.89 -11.34
C ALA A 52 -3.78 4.13 -12.84
N LEU A 53 -2.57 4.04 -13.41
CA LEU A 53 -2.47 4.26 -14.84
C LEU A 53 -3.22 3.21 -15.66
N VAL A 54 -3.08 1.94 -15.30
CA VAL A 54 -3.75 0.90 -16.06
C VAL A 54 -5.25 1.07 -16.04
N THR A 55 -5.80 1.34 -14.86
CA THR A 55 -7.24 1.50 -14.76
C THR A 55 -7.73 2.73 -15.50
N LYS A 56 -6.93 3.80 -15.53
CA LYS A 56 -7.36 4.97 -16.27
C LYS A 56 -7.41 4.64 -17.75
N PHE A 57 -6.43 3.92 -18.26
CA PHE A 57 -6.45 3.56 -19.68
C PHE A 57 -7.72 2.77 -19.95
N THR A 58 -7.99 1.81 -19.08
CA THR A 58 -9.16 0.98 -19.26
C THR A 58 -10.40 1.83 -19.28
N ASP A 59 -10.50 2.76 -18.35
CA ASP A 59 -11.70 3.57 -18.30
C ASP A 59 -11.85 4.43 -19.50
N SER A 60 -10.80 5.13 -19.91
CA SER A 60 -10.98 5.96 -21.07
C SER A 60 -11.03 5.20 -22.37
N ILE A 61 -10.09 4.32 -22.61
CA ILE A 61 -10.17 3.57 -23.85
C ILE A 61 -11.15 2.43 -23.92
N ILE A 62 -11.09 1.57 -22.91
CA ILE A 62 -11.93 0.41 -22.86
C ILE A 62 -13.40 0.39 -22.49
N THR A 63 -13.75 1.09 -21.42
CA THR A 63 -15.13 1.08 -20.96
C THR A 63 -16.04 1.65 -22.02
N PRO A 64 -15.57 2.69 -22.71
CA PRO A 64 -16.45 3.22 -23.75
C PRO A 64 -16.74 2.17 -24.84
N LEU A 65 -15.73 1.42 -25.25
CA LEU A 65 -15.92 0.39 -26.26
C LEU A 65 -16.94 -0.62 -25.76
N ILE A 66 -16.80 -0.98 -24.50
CA ILE A 66 -17.71 -1.93 -23.89
C ILE A 66 -19.12 -1.35 -23.96
N ASN A 67 -19.21 -0.06 -23.67
CA ASN A 67 -20.47 0.66 -23.63
C ASN A 67 -21.24 0.95 -24.91
N ARG A 68 -20.59 1.20 -26.05
CA ARG A 68 -21.40 1.48 -27.24
C ARG A 68 -22.25 0.22 -27.39
N ILE A 69 -21.66 -0.92 -27.05
CA ILE A 69 -22.34 -2.22 -27.09
C ILE A 69 -23.39 -2.43 -25.98
N GLY A 70 -22.93 -2.39 -24.73
CA GLY A 70 -23.78 -2.56 -23.56
C GLY A 70 -25.18 -3.17 -23.58
N VAL A 71 -25.26 -4.49 -23.79
CA VAL A 71 -26.53 -5.25 -23.78
C VAL A 71 -26.56 -5.94 -22.41
N ASN A 72 -25.74 -5.40 -21.51
CA ASN A 72 -25.55 -5.90 -20.16
C ASN A 72 -26.47 -5.28 -19.11
N ALA A 73 -25.91 -4.37 -18.31
CA ALA A 73 -26.61 -3.68 -17.23
C ALA A 73 -28.06 -4.10 -17.17
N GLN A 74 -28.33 -5.26 -16.60
CA GLN A 74 -29.70 -5.74 -16.51
C GLN A 74 -30.34 -5.08 -15.29
N SER A 75 -31.50 -5.58 -14.84
CA SER A 75 -32.16 -4.96 -13.69
C SER A 75 -33.41 -5.62 -13.15
N ASP A 76 -34.09 -4.88 -12.27
CA ASP A 76 -35.34 -5.28 -11.65
C ASP A 76 -35.88 -4.05 -10.91
N VAL A 77 -37.19 -4.02 -10.71
CA VAL A 77 -37.85 -2.91 -10.03
C VAL A 77 -37.17 -2.62 -8.67
N GLY A 78 -37.07 -1.35 -8.29
CA GLY A 78 -36.44 -0.96 -7.03
C GLY A 78 -37.02 0.26 -6.29
N ILE A 79 -38.00 0.01 -5.41
CA ILE A 79 -38.66 1.06 -4.63
C ILE A 79 -38.39 0.78 -3.14
N LEU A 80 -37.20 1.15 -2.66
CA LEU A 80 -36.85 0.89 -1.27
C LEU A 80 -37.78 1.52 -0.27
N ARG A 81 -38.57 0.66 0.39
CA ARG A 81 -39.50 1.09 1.44
C ARG A 81 -38.60 1.32 2.63
N ILE A 82 -37.81 2.37 2.52
CA ILE A 82 -36.88 2.76 3.55
C ILE A 82 -36.08 3.95 3.00
N GLY A 83 -36.01 4.05 1.67
CA GLY A 83 -35.27 5.13 1.04
C GLY A 83 -35.92 5.96 -0.05
N ILE A 84 -36.45 5.31 -1.10
CA ILE A 84 -37.05 6.07 -2.20
C ILE A 84 -38.20 5.37 -2.96
N GLY A 85 -37.92 4.91 -4.17
CA GLY A 85 -38.91 4.23 -4.99
C GLY A 85 -38.93 4.57 -6.48
N GLY A 86 -38.41 3.68 -7.33
CA GLY A 86 -38.40 3.94 -8.79
C GLY A 86 -37.92 2.87 -9.77
N GLY A 87 -36.73 2.28 -9.54
CA GLY A 87 -36.13 1.23 -10.39
C GLY A 87 -34.69 0.87 -9.99
N GLN A 88 -34.12 -0.27 -10.43
CA GLN A 88 -32.73 -0.62 -10.04
C GLN A 88 -31.96 -1.47 -11.07
N THR A 89 -30.64 -1.24 -11.22
CA THR A 89 -29.83 -1.99 -12.19
C THR A 89 -28.60 -2.74 -11.70
N ILE A 90 -28.27 -3.83 -12.40
CA ILE A 90 -27.10 -4.65 -12.13
C ILE A 90 -26.19 -4.43 -13.33
N ASP A 91 -25.29 -3.46 -13.22
CA ASP A 91 -24.41 -3.14 -14.32
C ASP A 91 -23.35 -4.23 -14.52
N LEU A 92 -23.47 -4.92 -15.65
CA LEU A 92 -22.57 -6.01 -16.01
C LEU A 92 -21.37 -5.48 -16.77
N ASN A 93 -21.60 -4.43 -17.55
CA ASN A 93 -20.57 -3.83 -18.38
C ASN A 93 -19.38 -3.39 -17.56
N VAL A 94 -19.70 -2.85 -16.39
CA VAL A 94 -18.68 -2.39 -15.48
C VAL A 94 -17.85 -3.58 -15.01
N LEU A 95 -18.52 -4.70 -14.72
CA LEU A 95 -17.84 -5.89 -14.24
C LEU A 95 -16.87 -6.41 -15.27
N LEU A 96 -17.31 -6.47 -16.51
CA LEU A 96 -16.42 -6.96 -17.53
C LEU A 96 -15.33 -5.92 -17.74
N SER A 97 -15.69 -4.64 -17.67
CA SER A 97 -14.73 -3.57 -17.86
C SER A 97 -13.63 -3.69 -16.81
N ALA A 98 -14.03 -3.99 -15.56
CA ALA A 98 -13.08 -4.11 -14.47
C ALA A 98 -12.17 -5.34 -14.65
N ALA A 99 -12.75 -6.42 -15.16
CA ALA A 99 -12.02 -7.67 -15.37
C ALA A 99 -10.95 -7.47 -16.42
N ILE A 100 -11.34 -6.81 -17.50
CA ILE A 100 -10.40 -6.55 -18.56
C ILE A 100 -9.30 -5.66 -18.01
N ASN A 101 -9.67 -4.74 -17.12
CA ASN A 101 -8.70 -3.85 -16.53
C ASN A 101 -7.68 -4.71 -15.81
N PHE A 102 -8.18 -5.68 -15.07
CA PHE A 102 -7.33 -6.56 -14.32
C PHE A 102 -6.37 -7.34 -15.16
N PHE A 103 -6.85 -7.89 -16.27
CA PHE A 103 -5.98 -8.63 -17.15
C PHE A 103 -4.91 -7.72 -17.65
N LEU A 104 -5.28 -6.53 -18.04
CA LEU A 104 -4.28 -5.63 -18.55
C LEU A 104 -3.20 -5.37 -17.52
N ILE A 105 -3.58 -5.34 -16.25
CA ILE A 105 -2.59 -5.10 -15.21
C ILE A 105 -1.72 -6.32 -15.09
N ALA A 106 -2.34 -7.48 -15.11
CA ALA A 106 -1.58 -8.70 -15.00
C ALA A 106 -0.61 -8.79 -16.16
N PHE A 107 -1.08 -8.50 -17.36
CA PHE A 107 -0.22 -8.55 -18.53
C PHE A 107 0.89 -7.53 -18.40
N ALA A 108 0.52 -6.34 -17.99
CA ALA A 108 1.49 -5.27 -17.87
C ALA A 108 2.59 -5.50 -16.84
N VAL A 109 2.20 -5.95 -15.65
CA VAL A 109 3.19 -6.16 -14.61
C VAL A 109 4.06 -7.35 -14.93
N TYR A 110 3.44 -8.41 -15.39
CA TYR A 110 4.21 -9.59 -15.70
C TYR A 110 5.10 -9.37 -16.90
N PHE A 111 4.54 -8.80 -17.95
CA PHE A 111 5.36 -8.60 -19.12
C PHE A 111 6.38 -7.51 -18.92
N LEU A 112 6.01 -6.35 -18.41
CA LEU A 112 7.06 -5.36 -18.27
C LEU A 112 8.02 -5.73 -17.14
N VAL A 113 7.45 -6.02 -15.97
CA VAL A 113 8.20 -6.46 -14.79
C VAL A 113 8.75 -7.90 -14.64
N VAL A 114 7.89 -8.87 -14.92
CA VAL A 114 8.27 -10.25 -14.73
C VAL A 114 9.27 -10.87 -15.67
N LEU A 115 9.12 -10.62 -16.96
CA LEU A 115 10.07 -11.21 -17.90
C LEU A 115 11.46 -10.73 -17.54
N PRO A 116 11.62 -9.43 -17.29
CA PRO A 116 12.97 -8.99 -16.97
C PRO A 116 13.51 -9.43 -15.61
N TYR A 117 12.72 -9.33 -14.53
CA TYR A 117 13.31 -9.75 -13.25
C TYR A 117 13.53 -11.24 -13.18
N ASN A 118 12.59 -12.03 -13.69
CA ASN A 118 12.76 -13.47 -13.64
C ASN A 118 13.96 -13.86 -14.48
N THR A 119 14.11 -13.23 -15.64
CA THR A 119 15.24 -13.54 -16.50
C THR A 119 16.57 -13.10 -15.91
N LEU A 120 16.61 -11.94 -15.25
CA LEU A 120 17.85 -11.46 -14.67
C LEU A 120 18.30 -12.29 -13.51
N ARG A 121 17.35 -12.80 -12.74
CA ARG A 121 17.71 -13.64 -11.61
C ARG A 121 18.23 -14.95 -12.19
N LYS A 122 17.57 -15.48 -13.22
CA LYS A 122 18.06 -16.75 -13.78
C LYS A 122 19.46 -16.55 -14.32
N LYS A 123 19.69 -15.47 -15.07
CA LYS A 123 21.02 -15.20 -15.56
C LYS A 123 21.86 -14.76 -14.36
N GLY A 124 21.18 -14.58 -13.24
CA GLY A 124 21.84 -14.18 -12.01
C GLY A 124 22.41 -12.78 -12.03
N GLU A 125 22.20 -12.07 -13.13
CA GLU A 125 22.72 -10.71 -13.26
C GLU A 125 22.28 -9.89 -12.05
N VAL A 126 21.06 -10.17 -11.57
CA VAL A 126 20.53 -9.47 -10.43
C VAL A 126 21.20 -9.84 -9.13
N GLU A 127 21.39 -8.84 -8.27
CA GLU A 127 22.03 -9.04 -6.98
C GLU A 127 21.07 -8.76 -5.82
N GLN A 128 21.50 -9.08 -4.59
CA GLN A 128 20.70 -8.85 -3.39
C GLN A 128 21.46 -9.27 -2.11
N PRO A 129 21.26 -8.51 -1.01
CA PRO A 129 21.94 -8.82 0.25
C PRO A 129 21.68 -10.26 0.72
N GLY A 130 20.43 -10.72 0.62
CA GLY A 130 20.14 -12.07 1.05
C GLY A 130 20.93 -13.12 0.29
N ASP A 131 21.01 -12.96 -1.03
CA ASP A 131 21.73 -13.89 -1.87
C ASP A 131 23.22 -13.91 -1.58
N THR A 132 23.85 -12.75 -1.44
CA THR A 132 25.28 -12.78 -1.14
C THR A 132 25.47 -13.48 0.22
N GLN A 133 24.53 -13.29 1.13
CA GLN A 133 24.64 -13.93 2.45
C GLN A 133 24.70 -15.42 2.26
N VAL A 134 23.81 -15.92 1.41
CA VAL A 134 23.73 -17.34 1.12
C VAL A 134 25.01 -17.92 0.52
N VAL A 135 25.58 -17.18 -0.41
CA VAL A 135 26.79 -17.64 -1.06
C VAL A 135 27.83 -17.82 0.02
N LEU A 136 27.91 -16.81 0.88
CA LEU A 136 28.86 -16.83 1.96
C LEU A 136 28.54 -17.94 2.94
N LEU A 137 27.27 -18.12 3.28
CA LEU A 137 26.94 -19.18 4.19
C LEU A 137 27.36 -20.49 3.56
N THR A 138 27.20 -20.60 2.25
CA THR A 138 27.54 -21.84 1.59
C THR A 138 29.02 -22.06 1.60
N GLU A 139 29.77 -21.03 1.28
CA GLU A 139 31.19 -21.23 1.27
C GLU A 139 31.61 -21.66 2.66
N ILE A 140 31.05 -21.00 3.68
CA ILE A 140 31.39 -21.32 5.05
C ILE A 140 31.04 -22.76 5.30
N ARG A 141 29.88 -23.18 4.82
CA ARG A 141 29.48 -24.56 5.04
C ARG A 141 30.52 -25.43 4.40
N ASP A 142 30.90 -25.06 3.19
CA ASP A 142 31.86 -25.85 2.47
C ASP A 142 33.21 -25.91 3.18
N LEU A 143 33.69 -24.79 3.70
CA LEU A 143 34.99 -24.81 4.36
C LEU A 143 34.97 -25.56 5.67
N LEU A 144 33.91 -25.35 6.44
CA LEU A 144 33.80 -26.01 7.73
C LEU A 144 33.85 -27.49 7.44
N ALA A 145 33.28 -27.87 6.31
CA ALA A 145 33.25 -29.27 5.86
C ALA A 145 34.64 -29.76 5.50
N GLN A 146 35.46 -28.87 4.95
CA GLN A 146 36.83 -29.24 4.58
C GLN A 146 37.70 -29.49 5.80
N THR A 147 37.46 -28.74 6.88
CA THR A 147 38.28 -28.94 8.08
C THR A 147 38.12 -30.38 8.56
N ASN A 148 37.05 -31.04 8.11
CA ASN A 148 36.78 -32.44 8.45
C ASN A 148 37.00 -33.34 7.20
N MET B 24 -2.33 -2.42 28.78
CA MET B 24 -2.84 -1.87 27.49
C MET B 24 -1.88 -0.83 26.89
N LEU B 25 -1.38 0.06 27.74
CA LEU B 25 -0.40 1.10 27.35
C LEU B 25 0.88 0.32 27.03
N LYS B 26 1.07 -0.78 27.78
CA LYS B 26 2.20 -1.72 27.66
C LYS B 26 2.13 -2.52 26.34
N GLY B 27 0.91 -2.90 25.92
CA GLY B 27 0.72 -3.62 24.68
C GLY B 27 0.93 -2.77 23.42
N PHE B 28 0.39 -1.54 23.41
CA PHE B 28 0.55 -0.64 22.26
C PHE B 28 2.04 -0.18 22.15
N LYS B 29 2.65 0.20 23.27
CA LYS B 29 4.06 0.66 23.31
C LYS B 29 5.09 -0.48 23.00
N GLU B 30 4.83 -1.69 23.50
CA GLU B 30 5.71 -2.86 23.26
C GLU B 30 5.59 -3.29 21.79
N PHE B 31 4.39 -3.15 21.21
CA PHE B 31 4.22 -3.47 19.80
C PHE B 31 4.92 -2.43 18.92
N LEU B 32 4.93 -1.18 19.40
CA LEU B 32 5.59 -0.06 18.71
C LEU B 32 7.14 -0.13 18.71
N ALA B 33 7.75 -0.62 19.80
CA ALA B 33 9.23 -0.78 19.86
C ALA B 33 9.55 -1.87 18.83
N ARG B 34 8.59 -2.80 18.75
CA ARG B 34 8.47 -3.95 17.85
C ARG B 34 8.35 -3.45 16.41
N GLY B 35 7.77 -2.26 16.27
CA GLY B 35 7.44 -1.74 14.95
C GLY B 35 8.39 -1.54 13.80
N ASN B 36 8.73 -2.71 13.27
CA ASN B 36 9.45 -2.90 12.05
C ASN B 36 8.27 -2.28 11.27
N ILE B 37 7.10 -2.52 11.86
CA ILE B 37 5.78 -2.06 11.41
C ILE B 37 5.79 -0.52 11.36
N VAL B 38 6.31 0.14 12.38
CA VAL B 38 6.34 1.60 12.38
C VAL B 38 7.14 2.05 11.19
N ASP B 39 8.24 1.33 10.91
CA ASP B 39 9.07 1.75 9.77
C ASP B 39 8.14 1.69 8.55
N LEU B 40 7.40 0.60 8.48
CA LEU B 40 6.55 0.36 7.34
C LEU B 40 5.34 1.30 7.18
N ALA B 41 4.63 1.52 8.28
CA ALA B 41 3.46 2.36 8.25
C ALA B 41 3.90 3.71 7.77
N VAL B 42 5.03 4.15 8.29
CA VAL B 42 5.51 5.44 7.87
C VAL B 42 5.72 5.42 6.38
N ALA B 43 6.29 4.33 5.88
CA ALA B 43 6.54 4.25 4.45
C ALA B 43 5.28 4.36 3.62
N VAL B 44 4.23 3.63 4.01
CA VAL B 44 3.00 3.68 3.24
C VAL B 44 2.39 5.05 3.40
N VAL B 45 2.53 5.62 4.59
CA VAL B 45 1.96 6.92 4.85
C VAL B 45 2.58 7.95 3.94
N ILE B 46 3.89 7.89 3.85
CA ILE B 46 4.56 8.84 3.01
C ILE B 46 4.30 8.56 1.55
N GLY B 47 4.29 7.28 1.18
CA GLY B 47 4.08 6.96 -0.22
C GLY B 47 2.74 7.43 -0.75
N THR B 48 1.68 7.18 0.02
CA THR B 48 0.33 7.59 -0.41
C THR B 48 0.25 9.10 -0.42
N ALA B 49 0.80 9.74 0.61
CA ALA B 49 0.70 11.20 0.65
C ALA B 49 1.34 11.86 -0.56
N PHE B 50 2.52 11.39 -0.91
CA PHE B 50 3.24 11.97 -2.02
C PHE B 50 2.60 11.70 -3.38
N THR B 51 2.18 10.46 -3.61
CA THR B 51 1.58 10.16 -4.91
C THR B 51 0.34 11.04 -5.08
N ALA B 52 -0.43 11.18 -4.00
CA ALA B 52 -1.64 11.98 -4.02
C ALA B 52 -1.27 13.42 -4.37
N LEU B 53 -0.17 13.91 -3.83
CA LEU B 53 0.23 15.27 -4.13
C LEU B 53 0.51 15.45 -5.62
N VAL B 54 1.22 14.50 -6.22
CA VAL B 54 1.53 14.64 -7.63
C VAL B 54 0.32 14.60 -8.53
N THR B 55 -0.57 13.64 -8.28
CA THR B 55 -1.76 13.53 -9.12
C THR B 55 -2.62 14.78 -8.96
N LYS B 56 -2.63 15.36 -7.77
CA LYS B 56 -3.40 16.58 -7.53
C LYS B 56 -2.81 17.73 -8.33
N PHE B 57 -1.49 17.79 -8.42
CA PHE B 57 -0.89 18.84 -9.21
C PHE B 57 -1.29 18.57 -10.66
N THR B 58 -1.27 17.30 -11.04
CA THR B 58 -1.57 16.97 -12.42
C THR B 58 -2.96 17.42 -12.75
N ASP B 59 -3.90 17.16 -11.85
CA ASP B 59 -5.28 17.52 -12.13
C ASP B 59 -5.54 19.00 -12.17
N SER B 60 -5.04 19.74 -11.19
CA SER B 60 -5.33 21.16 -11.25
C SER B 60 -4.54 21.88 -12.31
N ILE B 61 -3.24 21.68 -12.33
CA ILE B 61 -2.45 22.33 -13.36
C ILE B 61 -2.47 21.77 -14.75
N ILE B 62 -2.24 20.48 -14.84
CA ILE B 62 -2.19 19.80 -16.12
C ILE B 62 -3.44 19.47 -16.92
N THR B 63 -4.42 18.91 -16.24
CA THR B 63 -5.62 18.49 -16.92
C THR B 63 -6.28 19.69 -17.59
N PRO B 64 -6.34 20.83 -16.89
CA PRO B 64 -6.99 21.96 -17.56
C PRO B 64 -6.31 22.35 -18.86
N LEU B 65 -4.98 22.23 -18.90
CA LEU B 65 -4.24 22.57 -20.11
C LEU B 65 -4.49 21.59 -21.22
N ILE B 66 -4.57 20.31 -20.84
CA ILE B 66 -4.83 19.27 -21.82
C ILE B 66 -6.19 19.62 -22.43
N ASN B 67 -7.11 19.99 -21.55
CA ASN B 67 -8.49 20.31 -21.90
C ASN B 67 -8.78 21.54 -22.78
N ARG B 68 -8.02 22.62 -22.66
CA ARG B 68 -8.30 23.76 -23.54
C ARG B 68 -8.11 23.27 -24.98
N ILE B 69 -7.04 22.53 -25.21
CA ILE B 69 -6.75 22.00 -26.53
C ILE B 69 -7.73 20.90 -26.93
N GLY B 70 -7.77 19.85 -26.12
CA GLY B 70 -8.65 18.71 -26.33
C GLY B 70 -9.35 18.44 -27.64
N VAL B 71 -8.58 18.15 -28.70
CA VAL B 71 -9.13 17.82 -30.01
C VAL B 71 -9.13 16.30 -29.97
N ASN B 72 -9.13 15.81 -28.74
CA ASN B 72 -9.09 14.40 -28.39
C ASN B 72 -10.43 13.74 -28.25
N ALA B 73 -10.83 13.48 -27.01
CA ALA B 73 -12.10 12.84 -26.70
C ALA B 73 -12.96 12.64 -27.93
N GLN B 74 -12.81 11.50 -28.60
CA GLN B 74 -13.60 11.23 -29.80
C GLN B 74 -14.84 10.46 -29.37
N SER B 75 -15.56 9.82 -30.29
CA SER B 75 -16.77 9.11 -29.90
C SER B 75 -17.51 8.30 -30.97
N ASP B 76 -18.75 7.94 -30.60
CA ASP B 76 -19.67 7.20 -31.45
C ASP B 76 -21.01 7.15 -30.70
N VAL B 77 -22.12 7.17 -31.43
CA VAL B 77 -23.46 7.15 -30.84
C VAL B 77 -23.54 6.00 -29.80
N GLY B 78 -24.28 6.22 -28.72
CA GLY B 78 -24.42 5.19 -27.69
C GLY B 78 -25.79 5.12 -26.99
N ILE B 79 -26.65 4.21 -27.46
CA ILE B 79 -28.00 4.04 -26.90
C ILE B 79 -28.15 2.62 -26.35
N LEU B 80 -27.47 2.35 -25.24
CA LEU B 80 -27.52 1.04 -24.65
C LEU B 80 -28.91 0.53 -24.45
N ARG B 81 -29.28 -0.45 -25.29
CA ARG B 81 -30.60 -1.08 -25.17
C ARG B 81 -30.43 -2.05 -24.00
N ILE B 82 -30.31 -1.46 -22.81
CA ILE B 82 -30.17 -2.22 -21.57
C ILE B 82 -30.05 -1.17 -20.46
N GLY B 83 -29.73 0.06 -20.83
CA GLY B 83 -29.59 1.10 -19.83
C GLY B 83 -30.16 2.45 -20.16
N ILE B 84 -29.82 3.02 -21.31
CA ILE B 84 -30.32 4.35 -21.65
C ILE B 84 -30.55 4.61 -23.16
N GLY B 85 -29.81 5.58 -23.71
CA GLY B 85 -29.93 5.92 -25.12
C GLY B 85 -29.66 7.38 -25.49
N GLY B 86 -28.47 7.70 -26.04
CA GLY B 86 -28.15 9.09 -26.42
C GLY B 86 -26.85 9.44 -27.17
N GLY B 87 -25.70 8.93 -26.70
CA GLY B 87 -24.38 9.17 -27.30
C GLY B 87 -23.24 8.63 -26.41
N GLN B 88 -22.02 8.45 -26.93
CA GLN B 88 -20.92 7.92 -26.09
C GLN B 88 -19.51 8.39 -26.49
N THR B 89 -18.61 8.58 -25.50
CA THR B 89 -17.25 9.09 -25.78
C THR B 89 -16.01 8.33 -25.28
N ILE B 90 -14.90 8.51 -26.01
CA ILE B 90 -13.57 7.94 -25.68
C ILE B 90 -12.64 9.09 -25.37
N ASP B 91 -12.40 9.35 -24.09
CA ASP B 91 -11.54 10.48 -23.72
C ASP B 91 -10.04 10.18 -23.75
N LEU B 92 -9.32 10.98 -24.53
CA LEU B 92 -7.89 10.84 -24.71
C LEU B 92 -7.16 11.77 -23.79
N ASN B 93 -7.77 12.92 -23.58
CA ASN B 93 -7.18 13.96 -22.76
C ASN B 93 -6.92 13.43 -21.36
N VAL B 94 -7.83 12.59 -20.88
CA VAL B 94 -7.66 12.01 -19.56
C VAL B 94 -6.53 10.99 -19.59
N LEU B 95 -6.52 10.16 -20.63
CA LEU B 95 -5.50 9.11 -20.78
C LEU B 95 -4.15 9.77 -20.85
N LEU B 96 -4.06 10.82 -21.63
CA LEU B 96 -2.82 11.53 -21.73
C LEU B 96 -2.53 12.28 -20.43
N SER B 97 -3.56 12.84 -19.81
CA SER B 97 -3.40 13.59 -18.57
C SER B 97 -2.82 12.68 -17.51
N ALA B 98 -3.30 11.45 -17.48
CA ALA B 98 -2.82 10.46 -16.53
C ALA B 98 -1.40 10.04 -16.92
N ALA B 99 -1.16 9.90 -18.22
CA ALA B 99 0.15 9.49 -18.70
C ALA B 99 1.16 10.49 -18.24
N ILE B 100 0.81 11.75 -18.40
CA ILE B 100 1.71 12.81 -17.99
C ILE B 100 1.85 12.78 -16.49
N ASN B 101 0.77 12.47 -15.80
CA ASN B 101 0.82 12.42 -14.35
C ASN B 101 1.86 11.39 -13.98
N PHE B 102 1.82 10.25 -14.67
CA PHE B 102 2.73 9.16 -14.40
C PHE B 102 4.19 9.49 -14.63
N PHE B 103 4.48 10.14 -15.76
CA PHE B 103 5.86 10.49 -16.05
C PHE B 103 6.32 11.40 -14.95
N LEU B 104 5.47 12.31 -14.54
CA LEU B 104 5.85 13.22 -13.48
C LEU B 104 6.19 12.48 -12.21
N ILE B 105 5.49 11.39 -11.94
CA ILE B 105 5.78 10.65 -10.73
C ILE B 105 7.12 9.94 -10.82
N ALA B 106 7.41 9.36 -11.97
CA ALA B 106 8.67 8.66 -12.13
C ALA B 106 9.85 9.62 -12.00
N PHE B 107 9.77 10.76 -12.66
CA PHE B 107 10.84 11.73 -12.59
C PHE B 107 10.98 12.17 -11.17
N ALA B 108 9.87 12.37 -10.49
CA ALA B 108 9.93 12.85 -9.13
C ALA B 108 10.54 11.83 -8.19
N VAL B 109 10.10 10.59 -8.30
CA VAL B 109 10.60 9.59 -7.40
C VAL B 109 12.03 9.27 -7.74
N TYR B 110 12.29 9.11 -9.02
CA TYR B 110 13.63 8.77 -9.41
C TYR B 110 14.58 9.92 -9.15
N PHE B 111 14.17 11.12 -9.52
CA PHE B 111 15.05 12.25 -9.30
C PHE B 111 15.14 12.64 -7.84
N LEU B 112 14.02 12.76 -7.13
CA LEU B 112 14.21 13.14 -5.75
C LEU B 112 14.78 12.00 -4.92
N VAL B 113 14.14 10.83 -5.01
CA VAL B 113 14.61 9.61 -4.33
C VAL B 113 15.77 8.76 -4.85
N VAL B 114 15.74 8.48 -6.16
CA VAL B 114 16.74 7.61 -6.78
C VAL B 114 18.16 8.15 -6.92
N LEU B 115 18.31 9.39 -7.34
CA LEU B 115 19.66 9.93 -7.49
C LEU B 115 20.36 9.88 -6.13
N PRO B 116 19.65 10.32 -5.06
CA PRO B 116 20.30 10.28 -3.74
C PRO B 116 20.54 8.90 -3.09
N TYR B 117 19.57 7.99 -3.12
CA TYR B 117 19.85 6.69 -2.49
C TYR B 117 20.86 5.87 -3.30
N ASN B 118 20.80 5.95 -4.63
CA ASN B 118 21.73 5.17 -5.43
C ASN B 118 23.13 5.74 -5.29
N THR B 119 23.24 7.07 -5.18
CA THR B 119 24.56 7.69 -5.01
C THR B 119 25.12 7.38 -3.62
N LEU B 120 24.25 7.37 -2.61
CA LEU B 120 24.68 7.06 -1.25
C LEU B 120 25.04 5.59 -1.07
N ARG B 121 24.34 4.70 -1.78
CA ARG B 121 24.67 3.28 -1.69
C ARG B 121 26.02 3.09 -2.40
N LYS B 122 26.22 3.81 -3.51
CA LYS B 122 27.48 3.71 -4.26
C LYS B 122 28.67 4.33 -3.52
N LYS B 123 28.49 5.53 -2.97
CA LYS B 123 29.56 6.15 -2.19
C LYS B 123 29.73 5.43 -0.85
N GLY B 124 28.70 4.66 -0.46
CA GLY B 124 28.72 3.91 0.78
C GLY B 124 28.46 4.77 2.00
N GLU B 125 27.18 5.02 2.28
CA GLU B 125 26.81 5.86 3.41
C GLU B 125 25.49 5.40 4.01
N VAL B 126 24.58 4.91 3.17
CA VAL B 126 23.33 4.42 3.68
C VAL B 126 23.61 3.01 4.14
N GLU B 127 23.52 2.78 5.45
CA GLU B 127 23.79 1.47 6.03
C GLU B 127 22.54 0.56 6.10
N GLN B 128 22.75 -0.69 6.53
CA GLN B 128 21.67 -1.69 6.65
C GLN B 128 22.14 -2.99 7.38
N PRO B 129 21.24 -3.59 8.19
CA PRO B 129 21.60 -4.82 8.91
C PRO B 129 22.07 -5.92 7.96
N GLY B 130 21.39 -6.08 6.84
CA GLY B 130 21.74 -7.12 5.89
C GLY B 130 23.16 -6.94 5.40
N ASP B 131 23.54 -5.72 5.12
CA ASP B 131 24.88 -5.47 4.65
C ASP B 131 25.95 -5.66 5.72
N THR B 132 25.74 -5.16 6.92
CA THR B 132 26.77 -5.37 7.95
C THR B 132 26.96 -6.88 8.17
N GLN B 133 25.88 -7.64 8.06
CA GLN B 133 26.00 -9.08 8.24
C GLN B 133 26.87 -9.62 7.14
N VAL B 134 26.66 -9.12 5.93
CA VAL B 134 27.41 -9.63 4.80
C VAL B 134 28.87 -9.46 5.02
N VAL B 135 29.22 -8.28 5.50
CA VAL B 135 30.62 -8.01 5.77
C VAL B 135 31.12 -9.00 6.79
N LEU B 136 30.28 -9.28 7.78
CA LEU B 136 30.71 -10.19 8.80
C LEU B 136 30.89 -11.58 8.23
N LEU B 137 29.91 -12.04 7.44
CA LEU B 137 29.97 -13.36 6.84
C LEU B 137 31.20 -13.44 5.98
N THR B 138 31.45 -12.36 5.24
CA THR B 138 32.59 -12.26 4.34
C THR B 138 33.89 -12.39 5.13
N GLU B 139 33.97 -11.68 6.26
CA GLU B 139 35.18 -11.71 7.07
C GLU B 139 35.38 -13.12 7.57
N ILE B 140 34.31 -13.75 7.99
CA ILE B 140 34.38 -15.10 8.50
C ILE B 140 34.91 -16.01 7.42
N ARG B 141 34.41 -15.85 6.20
CA ARG B 141 34.84 -16.72 5.12
C ARG B 141 36.31 -16.55 4.99
N ASP B 142 36.76 -15.31 5.02
CA ASP B 142 38.16 -15.06 4.86
C ASP B 142 38.97 -15.73 5.95
N LEU B 143 38.50 -15.66 7.20
CA LEU B 143 39.26 -16.26 8.30
C LEU B 143 39.27 -17.76 8.30
N LEU B 144 38.10 -18.30 8.01
CA LEU B 144 37.95 -19.74 7.98
C LEU B 144 38.92 -20.21 6.90
N ALA B 145 39.07 -19.41 5.85
CA ALA B 145 39.96 -19.75 4.75
C ALA B 145 41.45 -19.69 5.12
N GLN B 146 41.82 -18.70 5.94
CA GLN B 146 43.22 -18.53 6.38
C GLN B 146 43.65 -19.72 7.24
N THR B 147 42.70 -20.22 8.02
CA THR B 147 43.01 -21.38 8.86
C THR B 147 43.43 -22.55 7.96
N ASN B 148 42.85 -22.64 6.77
CA ASN B 148 43.16 -23.72 5.84
C ASN B 148 44.17 -23.37 4.73
N MET C 24 -10.17 -24.59 9.58
CA MET C 24 -10.26 -23.26 8.91
C MET C 24 -9.70 -22.20 9.86
N LEU C 25 -10.09 -22.30 11.13
CA LEU C 25 -9.63 -21.39 12.18
C LEU C 25 -8.12 -21.61 12.30
N LYS C 26 -7.74 -22.90 12.16
CA LYS C 26 -6.33 -23.34 12.20
C LYS C 26 -5.52 -22.82 11.01
N GLY C 27 -6.12 -22.80 9.82
CA GLY C 27 -5.42 -22.32 8.64
C GLY C 27 -5.15 -20.82 8.62
N PHE C 28 -6.17 -20.04 8.98
CA PHE C 28 -6.00 -18.59 9.00
C PHE C 28 -5.01 -18.23 10.13
N LYS C 29 -5.19 -18.84 11.31
CA LYS C 29 -4.31 -18.59 12.46
C LYS C 29 -2.84 -19.03 12.24
N GLU C 30 -2.65 -20.19 11.58
CA GLU C 30 -1.31 -20.73 11.29
C GLU C 30 -0.60 -19.88 10.25
N PHE C 31 -1.37 -19.33 9.30
CA PHE C 31 -0.79 -18.46 8.30
C PHE C 31 -0.39 -17.11 8.92
N LEU C 32 -1.15 -16.67 9.92
CA LEU C 32 -0.85 -15.43 10.66
C LEU C 32 0.39 -15.53 11.57
N ALA C 33 0.60 -16.68 12.21
CA ALA C 33 1.79 -16.92 13.07
C ALA C 33 3.02 -16.79 12.17
N ARG C 34 2.74 -17.19 10.93
CA ARG C 34 3.56 -17.17 9.73
C ARG C 34 3.69 -15.69 9.33
N GLY C 35 2.65 -14.94 9.68
CA GLY C 35 2.50 -13.55 9.30
C GLY C 35 3.37 -12.32 9.54
N ASN C 36 4.47 -12.37 8.80
CA ASN C 36 5.40 -11.27 8.64
C ASN C 36 4.34 -10.35 7.98
N ILE C 37 3.43 -11.04 7.28
CA ILE C 37 2.29 -10.49 6.55
C ILE C 37 1.43 -9.69 7.51
N VAL C 38 1.17 -10.26 8.69
CA VAL C 38 0.38 -9.57 9.68
C VAL C 38 1.07 -8.26 10.01
N ASP C 39 2.40 -8.32 10.15
CA ASP C 39 3.11 -7.05 10.50
C ASP C 39 2.80 -6.00 9.40
N LEU C 40 2.93 -6.45 8.16
CA LEU C 40 2.76 -5.57 7.02
C LEU C 40 1.33 -5.08 6.78
N ALA C 41 0.39 -6.01 6.88
CA ALA C 41 -0.98 -5.71 6.63
C ALA C 41 -1.35 -4.63 7.62
N VAL C 42 -0.94 -4.81 8.86
CA VAL C 42 -1.26 -3.81 9.85
C VAL C 42 -0.66 -2.48 9.45
N ALA C 43 0.57 -2.52 8.95
CA ALA C 43 1.22 -1.28 8.57
C ALA C 43 0.46 -0.50 7.50
N VAL C 44 0.01 -1.20 6.46
CA VAL C 44 -0.72 -0.55 5.38
C VAL C 44 -2.01 0.04 5.94
N VAL C 45 -2.66 -0.72 6.83
CA VAL C 45 -3.93 -0.31 7.40
C VAL C 45 -3.79 1.00 8.14
N ILE C 46 -2.75 1.11 8.94
CA ILE C 46 -2.55 2.34 9.67
C ILE C 46 -2.09 3.46 8.77
N GLY C 47 -1.21 3.13 7.83
CA GLY C 47 -0.71 4.15 6.93
C GLY C 47 -1.81 4.77 6.09
N THR C 48 -2.69 3.94 5.54
CA THR C 48 -3.78 4.46 4.73
C THR C 48 -4.79 5.18 5.61
N ALA C 49 -5.11 4.60 6.77
CA ALA C 49 -6.08 5.22 7.67
C ALA C 49 -5.63 6.61 8.12
N PHE C 50 -4.36 6.71 8.47
CA PHE C 50 -3.81 7.97 8.92
C PHE C 50 -3.74 9.02 7.82
N THR C 51 -3.26 8.63 6.63
CA THR C 51 -3.16 9.61 5.54
C THR C 51 -4.56 10.15 5.28
N ALA C 52 -5.54 9.25 5.36
CA ALA C 52 -6.94 9.58 5.14
C ALA C 52 -7.39 10.63 6.12
N LEU C 53 -7.00 10.43 7.38
CA LEU C 53 -7.38 11.39 8.41
C LEU C 53 -6.79 12.78 8.15
N VAL C 54 -5.52 12.82 7.77
CA VAL C 54 -4.86 14.10 7.51
C VAL C 54 -5.52 14.87 6.38
N THR C 55 -5.82 14.16 5.31
CA THR C 55 -6.45 14.79 4.16
C THR C 55 -7.89 15.23 4.46
N LYS C 56 -8.61 14.47 5.28
CA LYS C 56 -9.98 14.84 5.64
C LYS C 56 -9.93 16.14 6.43
N PHE C 57 -8.92 16.31 7.28
CA PHE C 57 -8.81 17.57 8.05
C PHE C 57 -8.50 18.70 7.07
N THR C 58 -7.58 18.45 6.16
CA THR C 58 -7.20 19.47 5.22
C THR C 58 -8.41 19.89 4.42
N ASP C 59 -9.20 18.92 3.97
CA ASP C 59 -10.35 19.26 3.16
C ASP C 59 -11.39 20.05 3.93
N SER C 60 -11.76 19.59 5.13
CA SER C 60 -12.78 20.36 5.84
C SER C 60 -12.33 21.68 6.46
N ILE C 61 -11.24 21.66 7.23
CA ILE C 61 -10.79 22.91 7.81
C ILE C 61 -10.07 23.88 6.89
N ILE C 62 -9.09 23.34 6.20
CA ILE C 62 -8.27 24.12 5.30
C ILE C 62 -8.73 24.58 3.92
N THR C 63 -9.34 23.68 3.14
CA THR C 63 -9.76 24.03 1.79
C THR C 63 -10.76 25.16 1.83
N PRO C 64 -11.71 25.12 2.78
CA PRO C 64 -12.67 26.21 2.83
C PRO C 64 -12.00 27.56 3.04
N LEU C 65 -10.98 27.58 3.90
CA LEU C 65 -10.23 28.80 4.19
C LEU C 65 -9.51 29.29 2.95
N ILE C 66 -8.96 28.35 2.19
CA ILE C 66 -8.26 28.69 0.97
C ILE C 66 -9.27 29.35 0.05
N ASN C 67 -10.47 28.79 0.05
CA ASN C 67 -11.58 29.22 -0.78
C ASN C 67 -12.29 30.55 -0.49
N ARG C 68 -12.43 30.95 0.78
CA ARG C 68 -13.11 32.22 1.05
C ARG C 68 -12.27 33.24 0.29
N ILE C 69 -10.96 33.05 0.37
CA ILE C 69 -9.99 33.90 -0.33
C ILE C 69 -10.01 33.63 -1.83
N GLY C 70 -9.72 32.39 -2.18
CA GLY C 70 -9.68 31.89 -3.54
C GLY C 70 -9.59 32.84 -4.72
N VAL C 71 -8.55 33.66 -4.77
CA VAL C 71 -8.33 34.58 -5.88
C VAL C 71 -7.42 33.81 -6.85
N ASN C 72 -7.41 32.50 -6.64
CA ASN C 72 -6.60 31.55 -7.39
C ASN C 72 -7.25 31.13 -8.70
N ALA C 73 -7.85 29.94 -8.68
CA ALA C 73 -8.51 29.34 -9.85
C ALA C 73 -8.61 30.30 -11.04
N GLN C 74 -7.58 30.33 -11.89
CA GLN C 74 -7.63 31.22 -13.04
C GLN C 74 -8.22 30.44 -14.19
N SER C 75 -7.93 30.84 -15.42
CA SER C 75 -8.52 30.10 -16.53
C SER C 75 -8.25 30.62 -17.93
N ASP C 76 -8.97 30.03 -18.87
CA ASP C 76 -8.93 30.41 -20.26
C ASP C 76 -10.10 29.67 -20.91
N VAL C 77 -10.61 30.23 -22.00
CA VAL C 77 -11.74 29.67 -22.73
C VAL C 77 -11.47 28.19 -23.07
N GLY C 78 -12.53 27.36 -23.04
CA GLY C 78 -12.41 25.93 -23.35
C GLY C 78 -13.60 25.28 -24.08
N ILE C 79 -13.53 25.27 -25.42
CA ILE C 79 -14.58 24.68 -26.26
C ILE C 79 -14.00 23.53 -27.06
N LEU C 80 -13.66 22.44 -26.36
CA LEU C 80 -13.08 21.30 -27.01
C LEU C 80 -13.85 20.85 -28.24
N ARG C 81 -13.24 21.10 -29.40
CA ARG C 81 -13.82 20.67 -30.66
C ARG C 81 -13.46 19.19 -30.71
N ILE C 82 -14.17 18.43 -29.88
CA ILE C 82 -13.99 16.99 -29.78
C ILE C 82 -14.95 16.52 -28.67
N GLY C 83 -15.27 17.41 -27.74
CA GLY C 83 -16.15 17.03 -26.65
C GLY C 83 -17.29 17.95 -26.24
N ILE C 84 -17.06 19.28 -26.16
CA ILE C 84 -18.14 20.19 -25.71
C ILE C 84 -18.09 21.64 -26.24
N GLY C 85 -17.78 22.57 -25.34
CA GLY C 85 -17.69 23.97 -25.70
C GLY C 85 -18.30 24.90 -24.67
N GLY C 86 -17.46 25.53 -23.82
CA GLY C 86 -17.97 26.44 -22.79
C GLY C 86 -17.04 27.37 -21.98
N GLY C 87 -15.97 26.80 -21.40
CA GLY C 87 -14.98 27.54 -20.59
C GLY C 87 -14.04 26.59 -19.84
N GLN C 88 -12.88 27.06 -19.33
CA GLN C 88 -12.00 26.12 -18.61
C GLN C 88 -11.18 26.80 -17.52
N THR C 89 -10.88 26.08 -16.42
CA THR C 89 -10.11 26.66 -15.32
C THR C 89 -8.92 25.87 -14.75
N ILE C 90 -7.98 26.61 -14.17
CA ILE C 90 -6.79 26.04 -13.53
C ILE C 90 -6.92 26.35 -12.05
N ASP C 91 -7.34 25.35 -11.27
CA ASP C 91 -7.53 25.57 -9.84
C ASP C 91 -6.22 25.47 -9.04
N LEU C 92 -5.78 26.62 -8.55
CA LEU C 92 -4.57 26.75 -7.79
C LEU C 92 -4.83 26.45 -6.34
N ASN C 93 -6.02 26.82 -5.90
CA ASN C 93 -6.42 26.64 -4.51
C ASN C 93 -6.32 25.18 -4.14
N VAL C 94 -6.65 24.31 -5.09
CA VAL C 94 -6.59 22.89 -4.85
C VAL C 94 -5.13 22.45 -4.76
N LEU C 95 -4.32 22.96 -5.68
CA LEU C 95 -2.90 22.61 -5.70
C LEU C 95 -2.26 23.03 -4.39
N LEU C 96 -2.58 24.24 -3.96
CA LEU C 96 -2.05 24.76 -2.73
C LEU C 96 -2.62 24.03 -1.51
N SER C 97 -3.91 23.74 -1.53
CA SER C 97 -4.53 23.05 -0.40
C SER C 97 -3.89 21.68 -0.22
N ALA C 98 -3.59 21.03 -1.34
CA ALA C 98 -2.96 19.71 -1.31
C ALA C 98 -1.56 19.82 -0.73
N ALA C 99 -0.83 20.84 -1.19
CA ALA C 99 0.54 21.07 -0.75
C ALA C 99 0.55 21.25 0.75
N ILE C 100 -0.39 22.06 1.24
CA ILE C 100 -0.48 22.32 2.66
C ILE C 100 -0.80 21.01 3.36
N ASN C 101 -1.63 20.21 2.71
CA ASN C 101 -2.01 18.94 3.28
C ASN C 101 -0.73 18.13 3.46
N PHE C 102 0.11 18.17 2.43
CA PHE C 102 1.37 17.43 2.44
C PHE C 102 2.36 17.83 3.52
N PHE C 103 2.55 19.14 3.68
CA PHE C 103 3.46 19.65 4.68
C PHE C 103 2.96 19.20 6.02
N LEU C 104 1.66 19.31 6.25
CA LEU C 104 1.14 18.90 7.55
C LEU C 104 1.44 17.43 7.77
N ILE C 105 1.41 16.63 6.72
CA ILE C 105 1.71 15.22 6.93
C ILE C 105 3.16 15.07 7.36
N ALA C 106 4.05 15.80 6.69
CA ALA C 106 5.48 15.75 6.99
C ALA C 106 5.75 16.17 8.44
N PHE C 107 5.08 17.23 8.89
CA PHE C 107 5.26 17.71 10.26
C PHE C 107 4.71 16.70 11.22
N ALA C 108 3.59 16.08 10.86
CA ALA C 108 2.99 15.11 11.73
C ALA C 108 3.76 13.81 11.87
N VAL C 109 4.22 13.26 10.75
CA VAL C 109 4.97 12.02 10.81
C VAL C 109 6.34 12.20 11.43
N TYR C 110 7.01 13.25 10.99
CA TYR C 110 8.33 13.49 11.51
C TYR C 110 8.28 13.90 12.96
N PHE C 111 7.38 14.80 13.31
CA PHE C 111 7.35 15.24 14.69
C PHE C 111 6.79 14.16 15.58
N LEU C 112 5.69 13.52 15.20
CA LEU C 112 5.23 12.48 16.10
C LEU C 112 6.07 11.22 16.05
N VAL C 113 6.30 10.71 14.84
CA VAL C 113 7.16 9.53 14.61
C VAL C 113 8.68 9.63 14.64
N VAL C 114 9.18 10.64 13.94
CA VAL C 114 10.62 10.84 13.82
C VAL C 114 11.40 11.33 15.03
N LEU C 115 10.88 12.31 15.77
CA LEU C 115 11.61 12.81 16.94
C LEU C 115 11.80 11.63 17.90
N PRO C 116 10.72 10.86 18.12
CA PRO C 116 10.82 9.71 19.03
C PRO C 116 11.68 8.53 18.52
N TYR C 117 11.54 8.08 17.26
CA TYR C 117 12.38 6.95 16.80
C TYR C 117 13.89 7.30 16.59
N ASN C 118 14.18 8.49 16.08
CA ASN C 118 15.57 8.89 15.90
C ASN C 118 16.23 9.15 17.27
N THR C 119 15.46 9.69 18.22
CA THR C 119 15.99 9.93 19.58
C THR C 119 16.23 8.61 20.36
N LEU C 120 15.33 7.62 20.21
CA LEU C 120 15.47 6.30 20.85
C LEU C 120 16.59 5.43 20.24
N ARG C 121 16.79 5.54 18.93
CA ARG C 121 17.88 4.81 18.27
C ARG C 121 19.20 5.46 18.70
N LYS C 122 19.24 6.79 18.79
CA LYS C 122 20.47 7.49 19.23
C LYS C 122 20.83 7.15 20.69
N LYS C 123 19.85 7.17 21.59
CA LYS C 123 20.07 6.78 22.98
C LYS C 123 20.28 5.25 23.08
N GLY C 124 19.95 4.56 21.98
CA GLY C 124 20.11 3.11 21.89
C GLY C 124 19.20 2.29 22.78
N GLU C 125 17.97 2.06 22.35
CA GLU C 125 17.04 1.27 23.15
C GLU C 125 16.04 0.46 22.34
N VAL C 126 16.20 0.50 21.02
CA VAL C 126 15.30 -0.23 20.13
C VAL C 126 15.89 -1.57 19.72
N GLU C 127 15.23 -2.67 20.09
CA GLU C 127 15.73 -4.00 19.73
C GLU C 127 15.26 -4.45 18.34
N GLN C 128 15.97 -5.42 17.74
CA GLN C 128 15.66 -5.93 16.40
C GLN C 128 16.45 -7.21 16.02
N PRO C 129 15.78 -8.15 15.31
CA PRO C 129 16.42 -9.40 14.88
C PRO C 129 17.75 -9.22 14.12
N GLY C 130 17.80 -8.26 13.18
CA GLY C 130 19.01 -8.00 12.42
C GLY C 130 20.19 -7.59 13.29
N ASP C 131 19.91 -6.75 14.28
CA ASP C 131 20.93 -6.28 15.20
C ASP C 131 21.47 -7.39 16.08
N THR C 132 20.59 -8.23 16.63
CA THR C 132 21.10 -9.32 17.45
C THR C 132 21.95 -10.29 16.63
N GLN C 133 21.56 -10.47 15.36
CA GLN C 133 22.31 -11.35 14.48
C GLN C 133 23.70 -10.78 14.32
N VAL C 134 23.77 -9.47 14.09
CA VAL C 134 25.08 -8.86 13.90
C VAL C 134 25.93 -9.10 15.12
N VAL C 135 25.33 -8.97 16.29
CA VAL C 135 26.06 -9.17 17.53
C VAL C 135 26.63 -10.56 17.57
N LEU C 136 25.81 -11.54 17.21
CA LEU C 136 26.26 -12.90 17.22
C LEU C 136 27.30 -13.13 16.16
N LEU C 137 27.05 -12.58 14.98
CA LEU C 137 27.98 -12.78 13.89
C LEU C 137 29.30 -12.22 14.36
N THR C 138 29.24 -11.07 15.00
CA THR C 138 30.45 -10.44 15.50
C THR C 138 31.18 -11.31 16.55
N GLU C 139 30.42 -11.91 17.46
CA GLU C 139 31.04 -12.75 18.47
C GLU C 139 31.70 -13.92 17.79
N ILE C 140 31.04 -14.47 16.79
CA ILE C 140 31.57 -15.60 16.06
C ILE C 140 32.90 -15.20 15.43
N ARG C 141 32.92 -14.01 14.82
CA ARG C 141 34.12 -13.54 14.14
C ARG C 141 35.25 -13.49 15.12
N ASP C 142 34.97 -12.95 16.28
CA ASP C 142 36.00 -12.81 17.27
C ASP C 142 36.49 -14.17 17.75
N LEU C 143 35.58 -15.08 18.01
CA LEU C 143 36.00 -16.37 18.48
C LEU C 143 36.83 -17.12 17.46
N LEU C 144 36.37 -17.06 16.21
CA LEU C 144 37.04 -17.73 15.09
C LEU C 144 38.46 -17.20 14.96
N ALA C 145 38.61 -15.90 15.25
CA ALA C 145 39.90 -15.23 15.20
C ALA C 145 40.78 -15.73 16.34
N GLN C 146 40.16 -16.05 17.46
CA GLN C 146 40.87 -16.57 18.63
C GLN C 146 41.44 -17.97 18.36
N THR C 147 40.69 -18.80 17.64
CA THR C 147 41.16 -20.16 17.31
C THR C 147 42.37 -20.06 16.37
N ASN C 148 42.35 -19.04 15.51
CA ASN C 148 43.40 -18.79 14.53
C ASN C 148 44.40 -17.72 15.04
N MET D 24 5.49 -19.56 -19.71
CA MET D 24 4.70 -18.40 -19.24
C MET D 24 4.09 -18.77 -17.89
N LEU D 25 3.55 -19.98 -17.86
CA LEU D 25 2.95 -20.53 -16.65
C LEU D 25 4.14 -20.64 -15.69
N LYS D 26 5.30 -20.95 -16.27
CA LYS D 26 6.59 -21.09 -15.56
C LYS D 26 7.11 -19.76 -14.97
N GLY D 27 6.97 -18.67 -15.72
CA GLY D 27 7.43 -17.37 -15.25
C GLY D 27 6.56 -16.81 -14.12
N PHE D 28 5.25 -16.92 -14.29
CA PHE D 28 4.36 -16.41 -13.25
C PHE D 28 4.45 -17.23 -11.96
N LYS D 29 4.45 -18.57 -12.07
CA LYS D 29 4.53 -19.44 -10.89
C LYS D 29 5.88 -19.34 -10.15
N GLU D 30 6.96 -19.24 -10.94
CA GLU D 30 8.33 -19.13 -10.42
C GLU D 30 8.46 -17.78 -9.69
N PHE D 31 7.79 -16.77 -10.21
CA PHE D 31 7.82 -15.47 -9.53
C PHE D 31 7.01 -15.50 -8.23
N LEU D 32 5.93 -16.29 -8.23
CA LEU D 32 5.07 -16.45 -7.05
C LEU D 32 5.66 -17.22 -5.85
N ALA D 33 6.44 -18.28 -6.11
CA ALA D 33 7.08 -19.03 -5.00
C ALA D 33 8.08 -18.02 -4.40
N ARG D 34 8.61 -17.22 -5.31
CA ARG D 34 9.53 -16.09 -5.12
C ARG D 34 8.78 -15.13 -4.22
N GLY D 35 7.46 -15.18 -4.35
CA GLY D 35 6.60 -14.25 -3.68
C GLY D 35 6.57 -13.99 -2.19
N ASN D 36 7.68 -13.36 -1.83
CA ASN D 36 7.91 -12.76 -0.53
C ASN D 36 6.82 -11.72 -0.86
N ILE D 37 6.74 -11.48 -2.18
CA ILE D 37 5.79 -10.60 -2.85
C ILE D 37 4.37 -11.09 -2.53
N VAL D 38 4.14 -12.39 -2.61
CA VAL D 38 2.83 -12.98 -2.33
C VAL D 38 2.44 -12.64 -0.90
N ASP D 39 3.39 -12.78 0.02
CA ASP D 39 3.08 -12.47 1.43
C ASP D 39 2.63 -11.00 1.49
N LEU D 40 3.39 -10.15 0.82
CA LEU D 40 3.13 -8.72 0.82
C LEU D 40 1.85 -8.27 0.14
N ALA D 41 1.60 -8.82 -1.04
CA ALA D 41 0.42 -8.46 -1.81
C ALA D 41 -0.78 -8.81 -0.97
N VAL D 42 -0.76 -9.97 -0.35
CA VAL D 42 -1.89 -10.34 0.48
C VAL D 42 -2.04 -9.34 1.62
N ALA D 43 -0.93 -8.95 2.22
CA ALA D 43 -0.99 -8.01 3.33
C ALA D 43 -1.61 -6.69 2.92
N VAL D 44 -1.23 -6.16 1.76
CA VAL D 44 -1.83 -4.91 1.33
C VAL D 44 -3.31 -5.16 1.01
N VAL D 45 -3.62 -6.34 0.47
CA VAL D 45 -5.00 -6.65 0.10
C VAL D 45 -5.92 -6.60 1.31
N ILE D 46 -5.50 -7.23 2.38
CA ILE D 46 -6.28 -7.22 3.58
C ILE D 46 -6.29 -5.88 4.26
N GLY D 47 -5.14 -5.23 4.28
CA GLY D 47 -5.05 -3.95 4.94
C GLY D 47 -6.00 -2.93 4.33
N THR D 48 -6.01 -2.87 2.99
CA THR D 48 -6.90 -1.94 2.30
C THR D 48 -8.36 -2.36 2.42
N ALA D 49 -8.62 -3.67 2.29
CA ALA D 49 -9.97 -4.17 2.36
C ALA D 49 -10.59 -3.86 3.72
N PHE D 50 -9.83 -4.10 4.75
CA PHE D 50 -10.30 -3.86 6.08
C PHE D 50 -10.47 -2.39 6.42
N THR D 51 -9.48 -1.55 6.07
CA THR D 51 -9.59 -0.13 6.42
C THR D 51 -10.83 0.42 5.75
N ALA D 52 -11.07 -0.08 4.54
CA ALA D 52 -12.24 0.32 3.77
C ALA D 52 -13.51 -0.10 4.50
N LEU D 53 -13.55 -1.32 5.04
CA LEU D 53 -14.75 -1.75 5.75
C LEU D 53 -15.06 -0.84 6.94
N VAL D 54 -14.03 -0.51 7.71
CA VAL D 54 -14.25 0.35 8.86
C VAL D 54 -14.76 1.73 8.47
N THR D 55 -14.17 2.34 7.44
CA THR D 55 -14.62 3.67 7.02
C THR D 55 -16.04 3.67 6.46
N LYS D 56 -16.43 2.58 5.80
CA LYS D 56 -17.79 2.47 5.27
C LYS D 56 -18.74 2.42 6.47
N PHE D 57 -18.39 1.66 7.49
CA PHE D 57 -19.27 1.61 8.67
C PHE D 57 -19.38 3.01 9.28
N THR D 58 -18.26 3.69 9.40
CA THR D 58 -18.26 5.03 9.99
C THR D 58 -19.13 5.94 9.16
N ASP D 59 -19.01 5.84 7.84
CA ASP D 59 -19.81 6.71 6.99
C ASP D 59 -21.30 6.40 7.04
N SER D 60 -21.69 5.12 6.92
CA SER D 60 -23.13 4.88 6.99
C SER D 60 -23.78 5.00 8.37
N ILE D 61 -23.23 4.34 9.39
CA ILE D 61 -23.79 4.49 10.73
C ILE D 61 -23.48 5.77 11.52
N ILE D 62 -22.21 6.10 11.57
CA ILE D 62 -21.77 7.26 12.29
C ILE D 62 -21.95 8.68 11.79
N THR D 63 -21.64 8.91 10.51
CA THR D 63 -21.73 10.26 9.96
C THR D 63 -23.15 10.76 10.07
N PRO D 64 -24.14 9.89 9.86
CA PRO D 64 -25.53 10.35 9.96
C PRO D 64 -25.89 10.81 11.39
N LEU D 65 -25.42 10.07 12.39
CA LEU D 65 -25.69 10.41 13.76
C LEU D 65 -25.04 11.75 14.07
N ILE D 66 -23.82 11.93 13.58
CA ILE D 66 -23.08 13.18 13.78
C ILE D 66 -23.94 14.28 13.16
N ASN D 67 -24.48 13.94 11.99
CA ASN D 67 -25.30 14.83 11.18
C ASN D 67 -26.70 15.21 11.66
N ARG D 68 -27.41 14.32 12.35
CA ARG D 68 -28.77 14.67 12.77
C ARG D 68 -28.58 15.92 13.62
N ILE D 69 -27.51 15.93 14.39
CA ILE D 69 -27.13 17.05 15.25
C ILE D 69 -26.60 18.25 14.46
N GLY D 70 -25.42 18.06 13.87
CA GLY D 70 -24.77 19.08 13.06
C GLY D 70 -24.92 20.57 13.33
N VAL D 71 -24.50 21.03 14.50
CA VAL D 71 -24.54 22.46 14.84
C VAL D 71 -23.13 22.93 14.47
N ASN D 72 -22.48 22.05 13.71
CA ASN D 72 -21.11 22.19 13.23
C ASN D 72 -20.98 23.10 12.01
N ALA D 73 -20.63 22.48 10.88
CA ALA D 73 -20.43 23.18 9.60
C ALA D 73 -20.70 24.68 9.68
N GLN D 74 -19.71 25.47 10.06
CA GLN D 74 -19.90 26.93 10.15
C GLN D 74 -19.47 27.51 8.82
N SER D 75 -19.15 28.80 8.75
CA SER D 75 -18.76 29.35 7.44
C SER D 75 -18.39 30.82 7.39
N ASP D 76 -18.39 31.35 6.17
CA ASP D 76 -18.13 32.76 5.92
C ASP D 76 -18.39 32.97 4.43
N VAL D 77 -18.62 34.24 4.07
CA VAL D 77 -18.90 34.62 2.69
C VAL D 77 -17.79 34.18 1.73
N GLY D 78 -18.18 33.61 0.59
CA GLY D 78 -17.20 33.14 -0.40
C GLY D 78 -17.53 33.41 -1.87
N ILE D 79 -16.98 34.50 -2.40
CA ILE D 79 -17.22 34.85 -3.80
C ILE D 79 -15.86 34.96 -4.49
N LEU D 80 -15.27 33.81 -4.78
CA LEU D 80 -13.98 33.77 -5.41
C LEU D 80 -13.95 34.59 -6.69
N ARG D 81 -13.30 35.75 -6.59
CA ARG D 81 -13.12 36.65 -7.73
C ARG D 81 -11.99 35.96 -8.49
N ILE D 82 -12.34 34.80 -9.07
CA ILE D 82 -11.42 33.98 -9.82
C ILE D 82 -12.19 32.74 -10.30
N GLY D 83 -13.22 32.36 -9.53
CA GLY D 83 -14.02 31.19 -9.88
C GLY D 83 -15.53 31.32 -9.93
N ILE D 84 -16.17 31.89 -8.91
CA ILE D 84 -17.65 31.98 -8.92
C ILE D 84 -18.27 33.18 -8.16
N GLY D 85 -18.90 32.87 -7.03
CA GLY D 85 -19.53 33.89 -6.19
C GLY D 85 -20.81 33.42 -5.52
N GLY D 86 -20.77 33.08 -4.22
CA GLY D 86 -21.99 32.63 -3.54
C GLY D 86 -22.07 32.40 -2.02
N GLY D 87 -21.07 31.69 -1.44
CA GLY D 87 -21.02 31.39 0.00
C GLY D 87 -20.01 30.27 0.31
N GLN D 88 -19.51 30.14 1.56
CA GLN D 88 -18.55 29.05 1.81
C GLN D 88 -18.65 28.44 3.21
N THR D 89 -18.40 27.12 3.33
CA THR D 89 -18.51 26.42 4.62
C THR D 89 -17.32 25.56 5.12
N ILE D 90 -17.22 25.47 6.45
CA ILE D 90 -16.19 24.68 7.16
C ILE D 90 -16.90 23.56 7.90
N ASP D 91 -16.88 22.36 7.35
CA ASP D 91 -17.56 21.25 7.99
C ASP D 91 -16.70 20.53 9.02
N LEU D 92 -17.20 20.56 10.25
CA LEU D 92 -16.57 19.96 11.43
C LEU D 92 -17.07 18.57 11.67
N ASN D 93 -18.33 18.35 11.30
CA ASN D 93 -18.99 17.07 11.46
C ASN D 93 -18.22 16.02 10.69
N VAL D 94 -17.70 16.43 9.54
CA VAL D 94 -16.91 15.55 8.71
C VAL D 94 -15.56 15.28 9.38
N LEU D 95 -14.94 16.35 9.91
CA LEU D 95 -13.66 16.22 10.58
C LEU D 95 -13.81 15.29 11.77
N LEU D 96 -14.88 15.50 12.53
CA LEU D 96 -15.16 14.70 13.70
C LEU D 96 -15.59 13.29 13.30
N SER D 97 -16.33 13.17 12.21
CA SER D 97 -16.77 11.86 11.75
C SER D 97 -15.54 11.05 11.32
N ALA D 98 -14.61 11.75 10.66
CA ALA D 98 -13.38 11.13 10.18
C ALA D 98 -12.51 10.67 11.36
N ALA D 99 -12.42 11.52 12.38
CA ALA D 99 -11.64 11.22 13.58
C ALA D 99 -12.17 9.99 14.30
N ILE D 100 -13.48 9.91 14.44
CA ILE D 100 -14.10 8.78 15.10
C ILE D 100 -13.78 7.54 14.29
N ASN D 101 -13.77 7.70 12.97
CA ASN D 101 -13.46 6.58 12.10
C ASN D 101 -12.07 6.06 12.44
N PHE D 102 -11.14 6.99 12.58
CA PHE D 102 -9.75 6.66 12.86
C PHE D 102 -9.59 5.91 14.18
N PHE D 103 -10.26 6.38 15.22
CA PHE D 103 -10.17 5.75 16.52
C PHE D 103 -10.71 4.34 16.40
N LEU D 104 -11.81 4.19 15.69
CA LEU D 104 -12.38 2.86 15.53
C LEU D 104 -11.38 1.96 14.84
N ILE D 105 -10.59 2.51 13.94
CA ILE D 105 -9.61 1.69 13.27
C ILE D 105 -8.50 1.29 14.25
N ALA D 106 -8.02 2.26 15.03
CA ALA D 106 -6.94 2.04 15.99
C ALA D 106 -7.35 0.98 17.01
N PHE D 107 -8.58 1.08 17.51
CA PHE D 107 -9.08 0.12 18.49
C PHE D 107 -9.24 -1.23 17.80
N ALA D 108 -9.80 -1.22 16.59
CA ALA D 108 -10.05 -2.46 15.86
C ALA D 108 -8.77 -3.22 15.52
N VAL D 109 -7.76 -2.52 15.03
CA VAL D 109 -6.51 -3.17 14.69
C VAL D 109 -5.75 -3.60 15.94
N TYR D 110 -5.70 -2.70 16.92
CA TYR D 110 -4.98 -2.99 18.12
C TYR D 110 -5.67 -4.11 18.89
N PHE D 111 -6.97 -4.03 19.06
CA PHE D 111 -7.64 -5.07 19.80
C PHE D 111 -7.73 -6.37 19.02
N LEU D 112 -8.14 -6.34 17.76
CA LEU D 112 -8.20 -7.64 17.10
C LEU D 112 -6.82 -8.19 16.76
N VAL D 113 -5.99 -7.37 16.11
CA VAL D 113 -4.60 -7.74 15.79
C VAL D 113 -3.49 -7.72 16.86
N VAL D 114 -3.46 -6.61 17.61
CA VAL D 114 -2.42 -6.39 18.62
C VAL D 114 -2.43 -7.25 19.89
N LEU D 115 -3.59 -7.45 20.49
CA LEU D 115 -3.63 -8.26 21.70
C LEU D 115 -3.12 -9.68 21.37
N PRO D 116 -3.60 -10.29 20.26
CA PRO D 116 -3.16 -11.63 19.88
C PRO D 116 -1.73 -11.77 19.36
N TYR D 117 -1.27 -10.89 18.48
CA TYR D 117 0.10 -11.05 18.00
C TYR D 117 1.14 -10.71 19.09
N ASN D 118 0.89 -9.67 19.88
CA ASN D 118 1.85 -9.32 20.92
C ASN D 118 1.84 -10.38 22.03
N THR D 119 0.66 -10.94 22.31
CA THR D 119 0.52 -11.99 23.33
C THR D 119 1.20 -13.30 22.88
N LEU D 120 1.10 -13.60 21.58
CA LEU D 120 1.73 -14.79 21.01
C LEU D 120 3.26 -14.66 20.98
N ARG D 121 3.76 -13.44 20.74
CA ARG D 121 5.21 -13.22 20.74
C ARG D 121 5.77 -13.30 22.18
N LYS D 122 5.04 -12.75 23.16
CA LYS D 122 5.50 -12.82 24.57
C LYS D 122 5.45 -14.26 25.10
N LYS D 123 4.36 -14.98 24.84
CA LYS D 123 4.28 -16.38 25.23
C LYS D 123 5.20 -17.18 24.32
N GLY D 124 5.47 -16.63 23.12
CA GLY D 124 6.38 -17.23 22.14
C GLY D 124 5.92 -18.06 20.94
N GLU D 125 4.62 -18.34 20.84
CA GLU D 125 4.05 -19.17 19.78
C GLU D 125 4.18 -18.77 18.29
N VAL D 126 4.24 -17.47 18.00
CA VAL D 126 4.39 -17.02 16.62
C VAL D 126 5.83 -17.22 16.15
N GLU D 127 6.04 -17.43 14.84
CA GLU D 127 7.42 -17.68 14.37
C GLU D 127 7.95 -16.68 13.33
N GLN D 128 9.23 -16.81 12.96
CA GLN D 128 9.85 -15.93 11.97
C GLN D 128 11.28 -16.32 11.56
N PRO D 129 11.60 -16.16 10.26
CA PRO D 129 12.93 -16.48 9.71
C PRO D 129 14.10 -15.84 10.47
N GLY D 130 13.97 -14.56 10.81
CA GLY D 130 15.02 -13.90 11.55
C GLY D 130 15.28 -14.55 12.90
N ASP D 131 14.21 -14.86 13.62
CA ASP D 131 14.33 -15.47 14.94
C ASP D 131 15.02 -16.82 14.89
N THR D 132 14.64 -17.65 13.92
CA THR D 132 15.31 -18.95 13.85
C THR D 132 16.78 -18.83 13.46
N GLN D 133 17.09 -17.85 12.61
CA GLN D 133 18.48 -17.67 12.26
C GLN D 133 19.24 -17.36 13.54
N VAL D 134 18.62 -16.53 14.37
CA VAL D 134 19.21 -16.11 15.65
C VAL D 134 19.50 -17.28 16.51
N VAL D 135 18.56 -18.19 16.58
CA VAL D 135 18.73 -19.37 17.38
C VAL D 135 19.95 -20.10 16.90
N LEU D 136 20.04 -20.23 15.59
CA LEU D 136 21.14 -20.95 15.01
C LEU D 136 22.46 -20.26 15.20
N LEU D 137 22.48 -18.95 14.97
CA LEU D 137 23.72 -18.24 15.12
C LEU D 137 24.19 -18.41 16.55
N THR D 138 23.22 -18.34 17.48
CA THR D 138 23.50 -18.45 18.92
C THR D 138 24.09 -19.78 19.27
N GLU D 139 23.52 -20.84 18.74
CA GLU D 139 24.05 -22.14 19.04
C GLU D 139 25.46 -22.20 18.50
N ILE D 140 25.65 -21.64 17.32
CA ILE D 140 26.96 -21.66 16.71
C ILE D 140 27.92 -20.95 17.66
N ARG D 141 27.51 -19.81 18.21
CA ARG D 141 28.37 -19.06 19.12
C ARG D 141 28.74 -19.93 20.31
N ASP D 142 27.75 -20.62 20.85
CA ASP D 142 27.99 -21.44 22.01
C ASP D 142 28.96 -22.55 21.70
N LEU D 143 28.84 -23.13 20.52
CA LEU D 143 29.75 -24.20 20.16
C LEU D 143 31.14 -23.73 19.89
N LEU D 144 31.23 -22.65 19.15
CA LEU D 144 32.54 -22.15 18.79
C LEU D 144 33.25 -21.84 20.10
N ALA D 145 32.48 -21.38 21.08
CA ALA D 145 33.06 -21.05 22.37
C ALA D 145 33.53 -22.33 23.03
N GLN D 146 32.76 -23.39 22.87
CA GLN D 146 33.09 -24.68 23.46
C GLN D 146 34.41 -25.22 22.96
N THR D 147 34.73 -24.97 21.71
CA THR D 147 35.99 -25.47 21.15
C THR D 147 37.25 -24.93 21.85
N ASN D 148 37.09 -23.95 22.75
CA ASN D 148 38.25 -23.34 23.48
C ASN D 148 38.60 -23.95 24.87
N MET E 24 20.31 6.57 -17.27
CA MET E 24 18.89 6.48 -16.83
C MET E 24 18.43 5.01 -16.81
N LEU E 25 18.79 4.28 -17.88
CA LEU E 25 18.46 2.85 -18.00
C LEU E 25 19.24 2.12 -16.89
N LYS E 26 20.43 2.66 -16.59
CA LYS E 26 21.33 2.17 -15.53
C LYS E 26 20.80 2.47 -14.12
N GLY E 27 20.22 3.65 -13.93
CA GLY E 27 19.68 4.04 -12.63
C GLY E 27 18.46 3.22 -12.26
N PHE E 28 17.55 3.04 -13.23
CA PHE E 28 16.34 2.25 -13.00
C PHE E 28 16.71 0.78 -12.85
N LYS E 29 17.59 0.27 -13.73
CA LYS E 29 18.03 -1.12 -13.68
C LYS E 29 18.93 -1.45 -12.47
N GLU E 30 19.83 -0.52 -12.09
CA GLU E 30 20.73 -0.71 -10.95
C GLU E 30 19.94 -0.66 -9.65
N PHE E 31 18.90 0.18 -9.64
CA PHE E 31 18.02 0.27 -8.49
C PHE E 31 17.16 -1.00 -8.39
N LEU E 32 16.82 -1.58 -9.56
CA LEU E 32 16.03 -2.82 -9.64
C LEU E 32 16.80 -4.10 -9.20
N ALA E 33 18.12 -4.15 -9.43
CA ALA E 33 18.94 -5.30 -8.98
C ALA E 33 18.88 -5.19 -7.45
N ARG E 34 18.83 -3.93 -7.02
CA ARG E 34 18.70 -3.45 -5.64
C ARG E 34 17.26 -3.77 -5.20
N GLY E 35 16.37 -3.79 -6.20
CA GLY E 35 14.93 -3.92 -6.03
C GLY E 35 14.08 -4.98 -5.35
N ASN E 36 14.34 -4.98 -4.07
CA ASN E 36 13.60 -5.72 -3.08
C ASN E 36 12.31 -4.94 -3.40
N ILE E 37 12.54 -3.68 -3.79
CA ILE E 37 11.52 -2.69 -4.17
C ILE E 37 10.66 -3.20 -5.31
N VAL E 38 11.30 -3.86 -6.27
CA VAL E 38 10.57 -4.43 -7.38
C VAL E 38 9.64 -5.51 -6.87
N ASP E 39 10.15 -6.37 -5.98
CA ASP E 39 9.26 -7.45 -5.49
C ASP E 39 8.03 -6.78 -4.86
N LEU E 40 8.30 -5.78 -4.05
CA LEU E 40 7.27 -5.08 -3.32
C LEU E 40 6.30 -4.27 -4.20
N ALA E 41 6.85 -3.55 -5.15
CA ALA E 41 6.04 -2.69 -5.98
C ALA E 41 5.03 -3.60 -6.66
N VAL E 42 5.51 -4.72 -7.17
CA VAL E 42 4.58 -5.61 -7.80
C VAL E 42 3.52 -6.06 -6.79
N ALA E 43 3.94 -6.36 -5.59
CA ALA E 43 2.96 -6.83 -4.62
C ALA E 43 1.86 -5.81 -4.37
N VAL E 44 2.21 -4.54 -4.21
CA VAL E 44 1.15 -3.57 -3.98
C VAL E 44 0.31 -3.50 -5.24
N VAL E 45 0.97 -3.64 -6.39
CA VAL E 45 0.25 -3.54 -7.64
C VAL E 45 -0.80 -4.61 -7.75
N ILE E 46 -0.44 -5.82 -7.42
CA ILE E 46 -1.43 -6.85 -7.49
C ILE E 46 -2.42 -6.70 -6.38
N GLY E 47 -1.94 -6.37 -5.20
CA GLY E 47 -2.87 -6.25 -4.09
C GLY E 47 -3.94 -5.23 -4.34
N THR E 48 -3.55 -4.06 -4.84
CA THR E 48 -4.53 -3.02 -5.12
C THR E 48 -5.41 -3.38 -6.31
N ALA E 49 -4.81 -3.96 -7.34
CA ALA E 49 -5.58 -4.30 -8.53
C ALA E 49 -6.69 -5.28 -8.17
N PHE E 50 -6.33 -6.27 -7.37
CA PHE E 50 -7.28 -7.28 -6.97
C PHE E 50 -8.35 -6.81 -6.01
N THR E 51 -7.98 -6.04 -4.98
CA THR E 51 -9.04 -5.59 -4.06
C THR E 51 -10.03 -4.77 -4.88
N ALA E 52 -9.49 -4.02 -5.83
CA ALA E 52 -10.33 -3.19 -6.68
C ALA E 52 -11.31 -4.11 -7.41
N LEU E 53 -10.82 -5.23 -7.95
CA LEU E 53 -11.74 -6.12 -8.66
C LEU E 53 -12.87 -6.69 -7.79
N VAL E 54 -12.54 -7.16 -6.59
CA VAL E 54 -13.60 -7.70 -5.75
C VAL E 54 -14.66 -6.67 -5.39
N THR E 55 -14.22 -5.47 -5.01
CA THR E 55 -15.21 -4.45 -4.67
C THR E 55 -16.08 -4.04 -5.87
N LYS E 56 -15.51 -4.02 -7.08
CA LYS E 56 -16.32 -3.67 -8.26
C LYS E 56 -17.37 -4.76 -8.51
N PHE E 57 -17.00 -6.03 -8.35
CA PHE E 57 -18.02 -7.06 -8.54
C PHE E 57 -19.13 -6.84 -7.52
N THR E 58 -18.73 -6.54 -6.29
CA THR E 58 -19.71 -6.35 -5.24
C THR E 58 -20.65 -5.23 -5.60
N ASP E 59 -20.10 -4.12 -6.11
CA ASP E 59 -20.96 -2.99 -6.45
C ASP E 59 -21.88 -3.28 -7.61
N SER E 60 -21.37 -3.86 -8.69
CA SER E 60 -22.30 -4.10 -9.76
C SER E 60 -23.27 -5.24 -9.50
N ILE E 61 -22.77 -6.41 -9.11
CA ILE E 61 -23.68 -7.50 -8.83
C ILE E 61 -24.45 -7.54 -7.53
N ILE E 62 -23.71 -7.38 -6.44
CA ILE E 62 -24.30 -7.39 -5.13
C ILE E 62 -25.09 -6.23 -4.59
N THR E 63 -24.56 -5.02 -4.76
CA THR E 63 -25.21 -3.85 -4.22
C THR E 63 -26.58 -3.67 -4.83
N PRO E 64 -26.72 -3.98 -6.13
CA PRO E 64 -28.04 -3.83 -6.70
C PRO E 64 -29.03 -4.83 -6.07
N LEU E 65 -28.55 -6.03 -5.77
CA LEU E 65 -29.41 -7.04 -5.16
C LEU E 65 -29.83 -6.57 -3.80
N ILE E 66 -28.89 -6.00 -3.06
CA ILE E 66 -29.14 -5.51 -1.72
C ILE E 66 -30.23 -4.46 -1.87
N ASN E 67 -30.05 -3.62 -2.88
CA ASN E 67 -30.96 -2.52 -3.16
C ASN E 67 -32.39 -2.81 -3.62
N ARG E 68 -32.64 -3.89 -4.37
CA ARG E 68 -34.02 -4.10 -4.80
C ARG E 68 -34.85 -4.24 -3.52
N ILE E 69 -34.32 -4.98 -2.56
CA ILE E 69 -34.99 -5.20 -1.28
C ILE E 69 -35.02 -3.95 -0.39
N GLY E 70 -33.83 -3.52 0.01
CA GLY E 70 -33.64 -2.35 0.84
C GLY E 70 -34.72 -1.82 1.80
N VAL E 71 -35.05 -2.61 2.82
CA VAL E 71 -36.02 -2.22 3.85
C VAL E 71 -35.13 -1.70 4.98
N ASN E 72 -33.90 -1.37 4.58
CA ASN E 72 -32.84 -0.90 5.46
C ASN E 72 -32.85 0.60 5.74
N ALA E 73 -31.98 1.33 5.02
CA ALA E 73 -31.81 2.78 5.16
C ALA E 73 -32.91 3.47 5.98
N GLN E 74 -32.79 3.44 7.29
CA GLN E 74 -33.77 4.08 8.15
C GLN E 74 -33.40 5.55 8.21
N SER E 75 -33.81 6.25 9.27
CA SER E 75 -33.48 7.67 9.34
C SER E 75 -33.98 8.44 10.57
N ASP E 76 -33.97 9.77 10.42
CA ASP E 76 -34.45 10.71 11.44
C ASP E 76 -34.36 12.11 10.81
N VAL E 77 -35.21 13.02 11.28
CA VAL E 77 -35.24 14.39 10.76
C VAL E 77 -33.85 15.03 10.86
N GLY E 78 -33.50 15.89 9.89
CA GLY E 78 -32.21 16.56 9.88
C GLY E 78 -32.14 17.96 9.24
N ILE E 79 -32.26 19.00 10.08
CA ILE E 79 -32.22 20.41 9.65
C ILE E 79 -31.06 21.12 10.36
N LEU E 80 -29.84 20.76 9.99
CA LEU E 80 -28.67 21.34 10.62
C LEU E 80 -28.71 22.85 10.66
N ARG E 81 -28.92 23.38 11.87
CA ARG E 81 -28.93 24.82 12.09
C ARG E 81 -27.46 25.19 12.09
N ILE E 82 -26.86 25.10 10.91
CA ILE E 82 -25.45 25.40 10.73
C ILE E 82 -25.15 25.14 9.24
N GLY E 83 -25.99 24.32 8.61
CA GLY E 83 -25.80 23.99 7.21
C GLY E 83 -27.00 24.04 6.29
N ILE E 84 -28.10 23.35 6.63
CA ILE E 84 -29.27 23.33 5.74
C ILE E 84 -30.64 23.21 6.42
N GLY E 85 -31.31 22.08 6.20
CA GLY E 85 -32.62 21.81 6.78
C GLY E 85 -33.62 21.02 5.93
N GLY E 86 -33.75 19.70 6.15
CA GLY E 86 -34.69 18.90 5.36
C GLY E 86 -35.00 17.47 5.78
N GLY E 87 -33.97 16.63 5.93
CA GLY E 87 -34.09 15.21 6.34
C GLY E 87 -32.77 14.41 6.36
N GLN E 88 -32.66 13.32 7.14
CA GLN E 88 -31.40 12.54 7.17
C GLN E 88 -31.57 11.02 7.26
N THR E 89 -30.67 10.25 6.64
CA THR E 89 -30.78 8.79 6.64
C THR E 89 -29.60 7.97 7.14
N ILE E 90 -29.87 6.72 7.50
CA ILE E 90 -28.88 5.74 7.97
C ILE E 90 -28.95 4.55 7.01
N ASP E 91 -28.06 4.51 6.01
CA ASP E 91 -28.09 3.41 5.04
C ASP E 91 -27.39 2.15 5.56
N LEU E 92 -28.21 1.13 5.80
CA LEU E 92 -27.78 -0.16 6.33
C LEU E 92 -27.38 -1.11 5.22
N ASN E 93 -28.06 -0.96 4.10
CA ASN E 93 -27.85 -1.79 2.94
C ASN E 93 -26.39 -1.68 2.51
N VAL E 94 -25.86 -0.47 2.62
CA VAL E 94 -24.48 -0.23 2.23
C VAL E 94 -23.53 -0.99 3.15
N LEU E 95 -23.80 -0.93 4.44
CA LEU E 95 -22.98 -1.60 5.41
C LEU E 95 -22.99 -3.10 5.14
N LEU E 96 -24.16 -3.64 4.89
CA LEU E 96 -24.30 -5.05 4.65
C LEU E 96 -23.67 -5.39 3.30
N SER E 97 -23.82 -4.49 2.36
CA SER E 97 -23.25 -4.69 1.03
C SER E 97 -21.74 -4.83 1.19
N ALA E 98 -21.16 -3.95 2.01
CA ALA E 98 -19.71 -3.93 2.26
C ALA E 98 -19.21 -5.15 3.04
N ALA E 99 -20.02 -5.60 4.00
CA ALA E 99 -19.67 -6.75 4.81
C ALA E 99 -19.57 -7.94 3.90
N ILE E 100 -20.54 -8.06 3.01
CA ILE E 100 -20.57 -9.16 2.06
C ILE E 100 -19.38 -9.08 1.13
N ASN E 101 -19.02 -7.86 0.75
CA ASN E 101 -17.88 -7.66 -0.12
C ASN E 101 -16.65 -8.21 0.57
N PHE E 102 -16.53 -7.88 1.85
CA PHE E 102 -15.41 -8.29 2.67
C PHE E 102 -15.27 -9.80 2.77
N PHE E 103 -16.39 -10.46 2.99
CA PHE E 103 -16.38 -11.91 3.10
C PHE E 103 -15.99 -12.49 1.78
N LEU E 104 -16.51 -11.92 0.69
CA LEU E 104 -16.17 -12.43 -0.61
C LEU E 104 -14.67 -12.35 -0.85
N ILE E 105 -14.05 -11.32 -0.31
CA ILE E 105 -12.62 -11.15 -0.48
C ILE E 105 -11.88 -12.21 0.31
N ALA E 106 -12.29 -12.42 1.55
CA ALA E 106 -11.62 -13.39 2.39
C ALA E 106 -11.70 -14.79 1.75
N PHE E 107 -12.87 -15.15 1.22
CA PHE E 107 -13.08 -16.46 0.58
C PHE E 107 -12.24 -16.57 -0.67
N ALA E 108 -12.24 -15.51 -1.47
CA ALA E 108 -11.50 -15.52 -2.71
C ALA E 108 -10.01 -15.63 -2.45
N VAL E 109 -9.52 -14.86 -1.50
CA VAL E 109 -8.10 -14.87 -1.16
C VAL E 109 -7.68 -16.15 -0.44
N TYR E 110 -8.47 -16.53 0.54
CA TYR E 110 -8.12 -17.68 1.30
C TYR E 110 -8.24 -18.87 0.37
N PHE E 111 -9.33 -18.94 -0.37
CA PHE E 111 -9.50 -20.07 -1.24
C PHE E 111 -8.59 -20.06 -2.45
N LEU E 112 -8.47 -18.95 -3.16
CA LEU E 112 -7.61 -19.04 -4.31
C LEU E 112 -6.14 -19.08 -3.90
N VAL E 113 -5.73 -18.12 -3.08
CA VAL E 113 -4.37 -18.06 -2.53
C VAL E 113 -3.87 -18.95 -1.39
N VAL E 114 -4.69 -19.02 -0.33
CA VAL E 114 -4.32 -19.77 0.88
C VAL E 114 -4.29 -21.29 0.79
N LEU E 115 -5.27 -21.89 0.11
CA LEU E 115 -5.26 -23.34 -0.01
C LEU E 115 -3.97 -23.76 -0.75
N PRO E 116 -3.64 -23.06 -1.85
CA PRO E 116 -2.42 -23.43 -2.57
C PRO E 116 -1.10 -23.11 -1.88
N TYR E 117 -0.94 -21.93 -1.29
CA TYR E 117 0.35 -21.64 -0.64
C TYR E 117 0.57 -22.44 0.65
N ASN E 118 -0.48 -22.60 1.45
CA ASN E 118 -0.33 -23.37 2.68
C ASN E 118 -0.09 -24.86 2.35
N THR E 119 -0.78 -25.36 1.32
CA THR E 119 -0.60 -26.75 0.90
C THR E 119 0.82 -27.02 0.38
N LEU E 120 1.36 -26.08 -0.40
CA LEU E 120 2.72 -26.22 -0.94
C LEU E 120 3.83 -26.09 0.14
N ARG E 121 3.61 -25.24 1.15
CA ARG E 121 4.58 -25.13 2.25
C ARG E 121 4.58 -26.39 3.10
N LYS E 122 3.39 -26.99 3.30
CA LYS E 122 3.30 -28.25 4.08
C LYS E 122 3.96 -29.42 3.32
N LYS E 123 3.69 -29.54 2.01
CA LYS E 123 4.32 -30.59 1.20
C LYS E 123 5.82 -30.24 1.01
N GLY E 124 6.19 -29.04 1.46
CA GLY E 124 7.58 -28.57 1.40
C GLY E 124 8.21 -28.37 0.03
N GLU E 125 7.58 -27.57 -0.83
CA GLU E 125 8.11 -27.31 -2.16
C GLU E 125 8.28 -25.81 -2.47
N VAL E 126 7.79 -24.94 -1.56
CA VAL E 126 7.91 -23.48 -1.75
C VAL E 126 9.23 -22.98 -1.18
N GLU E 127 9.58 -21.72 -1.46
CA GLU E 127 10.85 -21.20 -0.98
C GLU E 127 10.88 -19.76 -0.46
N GLN E 128 12.02 -19.42 0.15
CA GLN E 128 12.29 -18.09 0.72
C GLN E 128 13.76 -17.98 1.22
N PRO E 129 14.38 -16.80 1.01
CA PRO E 129 15.77 -16.57 1.44
C PRO E 129 16.04 -16.92 2.93
N GLY E 130 15.13 -16.51 3.82
CA GLY E 130 15.33 -16.80 5.22
C GLY E 130 15.43 -18.30 5.46
N ASP E 131 14.53 -19.05 4.84
CA ASP E 131 14.52 -20.49 5.01
C ASP E 131 15.81 -21.14 4.52
N THR E 132 16.29 -20.76 3.34
CA THR E 132 17.54 -21.43 2.90
C THR E 132 18.72 -21.06 3.81
N GLN E 133 18.75 -19.83 4.31
CA GLN E 133 19.85 -19.45 5.19
C GLN E 133 19.81 -20.39 6.40
N VAL E 134 18.60 -20.64 6.86
CA VAL E 134 18.42 -21.50 8.03
C VAL E 134 18.97 -22.88 7.79
N VAL E 135 18.68 -23.43 6.61
CA VAL E 135 19.18 -24.76 6.32
C VAL E 135 20.69 -24.74 6.38
N LEU E 136 21.29 -23.71 5.79
CA LEU E 136 22.73 -23.63 5.81
C LEU E 136 23.26 -23.44 7.22
N LEU E 137 22.62 -22.56 7.97
CA LEU E 137 23.07 -22.31 9.33
C LEU E 137 23.00 -23.63 10.03
N THR E 138 21.89 -24.34 9.83
CA THR E 138 21.71 -25.60 10.47
C THR E 138 22.81 -26.56 10.05
N GLU E 139 23.12 -26.61 8.76
CA GLU E 139 24.15 -27.53 8.32
C GLU E 139 25.46 -27.15 8.97
N ILE E 140 25.65 -25.84 9.10
CA ILE E 140 26.87 -25.33 9.70
C ILE E 140 26.92 -25.87 11.11
N ARG E 141 25.80 -25.82 11.80
CA ARG E 141 25.77 -26.26 13.18
C ARG E 141 26.20 -27.72 13.27
N ASP E 142 25.65 -28.53 12.38
CA ASP E 142 25.96 -29.96 12.38
C ASP E 142 27.41 -30.29 12.16
N LEU E 143 28.03 -29.58 11.23
CA LEU E 143 29.43 -29.82 10.93
C LEU E 143 30.30 -29.34 12.07
N LEU E 144 29.92 -28.21 12.66
CA LEU E 144 30.68 -27.64 13.75
C LEU E 144 30.67 -28.66 14.87
N ALA E 145 29.50 -29.28 15.05
CA ALA E 145 29.34 -30.29 16.09
C ALA E 145 30.19 -31.53 15.82
N GLN E 146 30.31 -31.89 14.54
CA GLN E 146 31.11 -33.05 14.12
C GLN E 146 32.61 -32.87 14.40
N THR E 147 33.10 -31.64 14.27
CA THR E 147 34.53 -31.41 14.51
C THR E 147 34.96 -31.76 15.94
N ASN E 148 34.04 -31.61 16.90
CA ASN E 148 34.31 -31.86 18.33
C ASN E 148 33.81 -33.19 18.92
#